data_2E1S
#
_entry.id   2E1S
#
_cell.length_a   63.349
_cell.length_b   50.308
_cell.length_c   65.851
_cell.angle_alpha   90.00
_cell.angle_beta   107.79
_cell.angle_gamma   90.00
#
_symmetry.space_group_name_H-M   'P 1 21 1'
#
loop_
_entity.id
_entity.type
_entity.pdbx_description
1 polymer Lactotransferrin
2 branched alpha-D-mannopyranose-(1-4)-[beta-D-mannopyranose-(1-6)]beta-D-mannopyranose-(1-4)-2-acetamido-2-deoxy-beta-D-glucopyranose-(1-4)-2-acetamido-2-deoxy-beta-D-glucopyranose
3 branched 2-acetamido-2-deoxy-beta-D-glucopyranose-(1-4)-2-acetamido-2-deoxy-beta-D-glucopyranose
4 branched beta-D-mannopyranose-(1-4)-alpha-D-mannopyranose-(1-4)-beta-D-mannopyranose-(1-4)-alpha-D-mannopyranose-(1-4)-2-acetamido-2-deoxy-beta-D-glucopyranose-(1-4)-2-acetamido-2-deoxy-beta-D-glucopyranose
5 non-polymer alpha-L-arabinopyranose
6 non-polymer 'FE (III) ION'
7 non-polymer 'CARBONATE ION'
8 non-polymer 'ZINC ION'
9 non-polymer 'SULFATE ION'
10 water water
#
_entity_poly.entity_id   1
_entity_poly.type   'polypeptide(L)'
_entity_poly.pdbx_seq_one_letter_code
;YTRVVWCAVGPEEQKKCQQWSQQSGQNVTCATASTTDDCIVLVLKGEADALNLDGGYIYTAGKCGLVPVLAENRKSSKHS
SLDCVLRPTEGYLAVAVVKKANEGLTWNSLKDKKSCHTAVDRTAGWNIPMGLIVNQTGSCAFDEFFSQSCAPGADPKSRL
CALCAGDDQGLDKCVPNSKEKYYGYTGAFRCLAEDVGDVAFVKNDTVWENTNGESTADWAKNLKREDFRLLCLDGTRKPV
TEAQSCHLAVAPNHAVVSRSDRAAHVEQVLLHQQALFGKNGKNCPDKFCLFKSETKNLLFNDNTECLAKLGGRPTYEEYL
GTEYVTAIANLKKCSTSPLLEACAF
;
_entity_poly.pdbx_strand_id   A
#
# COMPACT_ATOMS: atom_id res chain seq x y z
N TYR A 1 3.13 -25.14 -15.48
CA TYR A 1 4.27 -24.67 -16.32
C TYR A 1 4.12 -23.18 -16.70
N THR A 2 3.25 -22.88 -17.66
CA THR A 2 2.88 -21.51 -18.05
C THR A 2 1.64 -21.08 -17.22
N ARG A 3 1.52 -21.74 -16.08
CA ARG A 3 0.47 -21.53 -15.09
C ARG A 3 1.12 -20.73 -13.94
N VAL A 4 0.54 -19.59 -13.57
CA VAL A 4 1.08 -18.74 -12.50
C VAL A 4 0.27 -18.87 -11.20
N VAL A 5 0.93 -19.07 -10.07
CA VAL A 5 0.28 -19.14 -8.76
C VAL A 5 0.42 -17.80 -8.04
N TRP A 6 -0.69 -17.11 -7.80
CA TRP A 6 -0.67 -15.81 -7.13
C TRP A 6 -0.83 -15.96 -5.61
N CYS A 7 -0.23 -15.08 -4.81
CA CYS A 7 -0.37 -15.24 -3.38
C CYS A 7 -1.31 -14.18 -2.87
N ALA A 8 -2.49 -14.57 -2.39
CA ALA A 8 -3.42 -13.60 -1.81
C ALA A 8 -3.22 -13.49 -0.31
N VAL A 9 -3.35 -12.27 0.21
CA VAL A 9 -3.14 -12.00 1.63
C VAL A 9 -4.50 -11.84 2.33
N GLY A 10 -4.90 -12.88 3.06
CA GLY A 10 -6.14 -12.86 3.84
C GLY A 10 -7.32 -13.35 3.01
N PRO A 11 -8.47 -13.60 3.66
CA PRO A 11 -9.61 -14.22 2.99
C PRO A 11 -10.30 -13.41 1.87
N GLU A 12 -10.30 -12.07 1.94
CA GLU A 12 -11.00 -11.29 0.92
C GLU A 12 -10.21 -11.26 -0.39
N GLU A 13 -8.89 -11.29 -0.30
CA GLU A 13 -8.04 -11.37 -1.50
C GLU A 13 -8.07 -12.78 -2.08
N GLN A 14 -8.17 -13.78 -1.20
CA GLN A 14 -8.43 -15.14 -1.67
C GLN A 14 -9.67 -15.20 -2.54
N LYS A 15 -10.74 -14.57 -2.05
CA LYS A 15 -12.02 -14.61 -2.75
C LYS A 15 -11.86 -13.94 -4.12
N LYS A 16 -11.15 -12.83 -4.20
CA LYS A 16 -10.96 -12.20 -5.50
C LYS A 16 -10.03 -13.07 -6.34
N CYS A 17 -9.06 -13.72 -5.71
CA CYS A 17 -8.11 -14.50 -6.50
C CYS A 17 -8.82 -15.71 -7.14
N GLN A 18 -9.69 -16.37 -6.38
N GLN A 18 -9.69 -16.39 -6.39
CA GLN A 18 -10.43 -17.54 -6.87
CA GLN A 18 -10.37 -17.57 -6.95
C GLN A 18 -11.32 -17.21 -8.06
C GLN A 18 -11.33 -17.21 -8.09
N GLN A 19 -11.83 -15.98 -8.09
CA GLN A 19 -12.63 -15.48 -9.20
C GLN A 19 -11.78 -15.27 -10.46
N TRP A 20 -10.65 -14.61 -10.26
CA TRP A 20 -9.67 -14.38 -11.30
C TRP A 20 -9.22 -15.70 -11.85
N SER A 21 -8.98 -16.65 -10.96
CA SER A 21 -8.51 -17.97 -11.36
C SER A 21 -9.54 -18.67 -12.25
N GLN A 22 -10.79 -18.70 -11.81
CA GLN A 22 -11.92 -19.27 -12.56
C GLN A 22 -12.04 -18.71 -13.98
N GLN A 23 -12.17 -17.39 -14.11
CA GLN A 23 -12.22 -16.66 -15.39
C GLN A 23 -11.00 -16.71 -16.30
N SER A 24 -9.88 -17.21 -15.78
CA SER A 24 -8.67 -17.28 -16.59
C SER A 24 -8.42 -18.73 -17.03
N GLY A 25 -9.33 -19.62 -16.64
CA GLY A 25 -9.25 -21.03 -16.97
C GLY A 25 -8.03 -21.73 -16.38
N GLN A 26 -7.72 -21.39 -15.13
CA GLN A 26 -6.58 -21.95 -14.43
C GLN A 26 -5.25 -21.48 -14.99
N ASN A 27 -5.22 -20.38 -15.74
CA ASN A 27 -3.91 -19.81 -16.04
C ASN A 27 -3.25 -19.16 -14.83
N VAL A 28 -4.08 -18.72 -13.88
CA VAL A 28 -3.59 -18.21 -12.62
C VAL A 28 -4.32 -19.04 -11.60
N THR A 29 -3.56 -19.54 -10.64
CA THR A 29 -4.10 -20.27 -9.50
C THR A 29 -3.81 -19.49 -8.20
N CYS A 30 -4.30 -19.93 -7.04
CA CYS A 30 -4.16 -19.12 -5.84
C CYS A 30 -3.52 -19.84 -4.66
N ALA A 31 -2.66 -19.13 -3.96
CA ALA A 31 -2.14 -19.58 -2.68
C ALA A 31 -2.61 -18.50 -1.69
N THR A 32 -2.77 -18.84 -0.41
CA THR A 32 -3.24 -17.88 0.58
C THR A 32 -2.37 -17.91 1.82
N ALA A 33 -2.10 -16.73 2.36
CA ALA A 33 -1.37 -16.56 3.62
C ALA A 33 -2.00 -15.43 4.45
N SER A 34 -1.77 -15.43 5.77
CA SER A 34 -2.36 -14.44 6.66
C SER A 34 -1.65 -13.11 6.61
N THR A 35 -0.48 -13.05 6.02
CA THR A 35 0.22 -11.77 6.02
C THR A 35 1.09 -11.68 4.79
N THR A 36 1.60 -10.48 4.51
CA THR A 36 2.46 -10.25 3.33
C THR A 36 3.75 -11.01 3.46
N ASP A 37 4.40 -10.95 4.61
CA ASP A 37 5.65 -11.68 4.85
C ASP A 37 5.51 -13.17 4.57
N ASP A 38 4.41 -13.78 5.01
CA ASP A 38 4.15 -15.18 4.72
C ASP A 38 4.03 -15.45 3.22
N CYS A 39 3.39 -14.53 2.50
CA CYS A 39 3.28 -14.67 1.06
C CYS A 39 4.66 -14.58 0.45
N ILE A 40 5.53 -13.71 0.96
CA ILE A 40 6.92 -13.62 0.48
C ILE A 40 7.66 -14.93 0.67
N VAL A 41 7.48 -15.59 1.83
CA VAL A 41 8.12 -16.89 2.13
C VAL A 41 7.60 -17.97 1.19
N LEU A 42 6.28 -17.98 0.99
CA LEU A 42 5.60 -18.85 0.04
C LEU A 42 6.30 -18.73 -1.32
N VAL A 43 6.62 -17.51 -1.78
CA VAL A 43 7.30 -17.27 -3.06
C VAL A 43 8.78 -17.74 -3.09
N LEU A 44 9.51 -17.50 -2.01
CA LEU A 44 10.85 -18.06 -1.79
C LEU A 44 10.92 -19.59 -1.90
N LYS A 45 9.90 -20.29 -1.37
CA LYS A 45 9.93 -21.73 -1.33
C LYS A 45 9.59 -22.25 -2.72
N GLY A 46 8.95 -21.41 -3.53
CA GLY A 46 8.49 -21.86 -4.82
C GLY A 46 7.08 -22.39 -4.78
N GLU A 47 6.33 -22.13 -3.71
CA GLU A 47 4.93 -22.58 -3.65
C GLU A 47 3.91 -21.56 -4.17
N ALA A 48 4.36 -20.33 -4.39
CA ALA A 48 3.56 -19.31 -5.09
C ALA A 48 4.55 -18.66 -6.06
N ASP A 49 4.08 -17.97 -7.10
CA ASP A 49 4.99 -17.27 -8.03
C ASP A 49 5.11 -15.76 -7.83
N ALA A 50 4.01 -15.08 -7.55
CA ALA A 50 4.05 -13.62 -7.53
C ALA A 50 2.98 -13.05 -6.59
N LEU A 51 3.18 -11.81 -6.16
CA LEU A 51 2.17 -10.96 -5.50
C LEU A 51 2.60 -9.51 -5.76
N ASN A 52 1.66 -8.56 -5.61
CA ASN A 52 1.88 -7.13 -5.80
C ASN A 52 2.23 -6.56 -4.43
N LEU A 53 3.25 -5.71 -4.34
CA LEU A 53 3.73 -5.31 -3.03
C LEU A 53 4.03 -3.81 -2.99
N ASP A 54 3.96 -3.27 -1.78
CA ASP A 54 4.26 -1.87 -1.53
C ASP A 54 5.76 -1.74 -1.39
N GLY A 55 6.30 -0.55 -1.62
CA GLY A 55 7.75 -0.37 -1.61
C GLY A 55 8.39 -0.93 -0.37
N GLY A 56 7.72 -0.80 0.78
CA GLY A 56 8.28 -1.24 2.06
C GLY A 56 8.56 -2.73 2.05
N TYR A 57 7.64 -3.51 1.50
CA TYR A 57 7.82 -4.95 1.50
C TYR A 57 8.76 -5.39 0.37
N ILE A 58 8.85 -4.57 -0.69
CA ILE A 58 9.72 -4.87 -1.82
C ILE A 58 11.15 -4.82 -1.29
N TYR A 59 11.44 -3.92 -0.36
CA TYR A 59 12.74 -3.91 0.33
C TYR A 59 13.01 -5.23 1.08
N THR A 60 12.03 -5.73 1.83
CA THR A 60 12.11 -7.05 2.49
C THR A 60 12.33 -8.18 1.47
N ALA A 61 11.43 -8.27 0.50
CA ALA A 61 11.50 -9.34 -0.48
C ALA A 61 12.83 -9.33 -1.21
N GLY A 62 13.36 -8.13 -1.45
CA GLY A 62 14.53 -7.94 -2.33
C GLY A 62 15.81 -8.41 -1.68
N LYS A 63 15.90 -8.23 -0.37
CA LYS A 63 17.00 -8.78 0.42
C LYS A 63 17.00 -10.28 0.34
N CYS A 64 15.83 -10.87 0.12
CA CYS A 64 15.68 -12.32 -0.01
C CYS A 64 15.81 -12.82 -1.44
N GLY A 65 16.33 -11.98 -2.32
CA GLY A 65 16.51 -12.34 -3.73
C GLY A 65 15.32 -12.18 -4.67
N LEU A 66 14.21 -11.59 -4.23
CA LEU A 66 13.04 -11.46 -5.13
C LEU A 66 13.18 -10.21 -6.00
N VAL A 67 12.57 -10.16 -7.17
CA VAL A 67 12.82 -9.02 -8.04
C VAL A 67 11.54 -8.33 -8.54
N PRO A 68 11.56 -7.00 -8.76
CA PRO A 68 10.34 -6.42 -9.28
C PRO A 68 10.21 -6.78 -10.75
N VAL A 69 8.98 -6.95 -11.22
CA VAL A 69 8.71 -7.52 -12.53
C VAL A 69 7.95 -6.49 -13.38
N LEU A 70 6.98 -5.84 -12.76
CA LEU A 70 6.00 -4.99 -13.42
C LEU A 70 5.46 -4.11 -12.30
N ALA A 71 5.24 -2.83 -12.61
CA ALA A 71 4.78 -1.85 -11.63
C ALA A 71 3.38 -1.33 -11.96
N GLU A 72 2.59 -1.02 -10.93
CA GLU A 72 1.30 -0.35 -11.14
C GLU A 72 1.56 1.05 -11.71
N ASN A 73 0.79 1.41 -12.72
CA ASN A 73 0.82 2.74 -13.25
C ASN A 73 -0.62 3.22 -13.13
N ARG A 74 -0.83 4.38 -12.53
CA ARG A 74 -2.15 5.02 -12.56
C ARG A 74 -2.19 6.04 -13.69
N LYS A 75 -3.36 6.62 -13.94
CA LYS A 75 -3.53 7.57 -15.04
C LYS A 75 -2.95 8.95 -14.70
N SER A 76 -2.24 9.58 -15.64
CA SER A 76 -1.61 10.86 -15.38
C SER A 76 -1.74 11.86 -16.52
N SER A 77 -1.83 13.15 -16.19
CA SER A 77 -1.91 14.20 -17.20
C SER A 77 -0.70 14.32 -18.15
N LYS A 78 0.53 14.28 -17.61
CA LYS A 78 1.74 14.28 -18.43
C LYS A 78 2.11 12.88 -18.96
N HIS A 79 2.98 12.84 -19.96
CA HIS A 79 3.43 11.59 -20.61
C HIS A 79 2.40 10.87 -21.50
N SER A 80 1.41 11.62 -21.97
CA SER A 80 0.21 11.08 -22.62
C SER A 80 0.45 10.35 -23.95
N SER A 81 1.54 10.69 -24.63
CA SER A 81 1.84 10.11 -25.96
C SER A 81 2.15 8.60 -25.91
N LEU A 82 2.75 8.13 -24.82
CA LEU A 82 3.03 6.72 -24.63
C LEU A 82 1.83 5.94 -24.07
N ASP A 83 1.76 4.66 -24.43
CA ASP A 83 0.76 3.74 -23.92
C ASP A 83 1.06 3.42 -22.46
N CYS A 84 0.05 2.97 -21.71
CA CYS A 84 0.20 2.73 -20.28
C CYS A 84 1.31 1.73 -19.91
N VAL A 85 1.36 0.59 -20.59
CA VAL A 85 2.37 -0.43 -20.35
C VAL A 85 3.83 0.03 -20.56
N LEU A 86 4.06 1.04 -21.40
CA LEU A 86 5.43 1.52 -21.67
C LEU A 86 5.75 2.85 -20.99
N ARG A 87 4.72 3.50 -20.44
CA ARG A 87 4.82 4.79 -19.76
C ARG A 87 5.55 4.67 -18.44
N PRO A 88 6.51 5.57 -18.19
CA PRO A 88 7.14 5.44 -16.87
C PRO A 88 6.13 5.72 -15.76
N THR A 89 6.40 5.17 -14.58
CA THR A 89 5.63 5.40 -13.36
C THR A 89 6.02 6.69 -12.62
N GLU A 90 5.05 7.43 -12.10
CA GLU A 90 5.33 8.68 -11.40
C GLU A 90 5.37 8.50 -9.90
N GLY A 91 4.86 7.39 -9.41
CA GLY A 91 5.00 7.18 -7.98
C GLY A 91 3.96 8.01 -7.25
N TYR A 92 3.79 7.77 -5.96
CA TYR A 92 2.69 8.45 -5.32
C TYR A 92 3.14 9.32 -4.16
N LEU A 93 2.24 10.19 -3.68
CA LEU A 93 2.62 11.14 -2.65
C LEU A 93 2.22 10.65 -1.26
N ALA A 94 3.18 10.50 -0.37
CA ALA A 94 2.91 10.16 1.02
C ALA A 94 2.45 11.43 1.75
N VAL A 95 1.24 11.47 2.30
CA VAL A 95 0.76 12.65 3.01
C VAL A 95 0.38 12.29 4.43
N ALA A 96 0.28 13.30 5.31
CA ALA A 96 -0.31 13.13 6.63
C ALA A 96 -1.60 13.92 6.63
N VAL A 97 -2.73 13.29 6.96
CA VAL A 97 -4.05 13.92 6.88
C VAL A 97 -4.70 14.07 8.26
N VAL A 98 -5.36 15.20 8.48
CA VAL A 98 -6.05 15.49 9.74
C VAL A 98 -7.41 16.08 9.43
N LYS A 99 -8.24 16.16 10.46
CA LYS A 99 -9.56 16.71 10.32
C LYS A 99 -9.34 18.21 10.47
N LYS A 100 -10.05 19.01 9.70
CA LYS A 100 -9.94 20.47 9.76
C LYS A 100 -10.46 20.96 11.11
N ALA A 101 -11.54 20.35 11.59
CA ALA A 101 -12.13 20.72 12.87
C ALA A 101 -11.15 20.57 14.01
N ASN A 102 -10.01 19.95 13.77
CA ASN A 102 -9.04 19.65 14.83
C ASN A 102 -7.96 20.72 14.71
N GLU A 103 -8.30 21.95 15.12
CA GLU A 103 -7.49 23.14 14.85
C GLU A 103 -6.15 23.13 15.58
N GLY A 104 -5.14 23.78 15.04
CA GLY A 104 -3.88 23.78 15.78
C GLY A 104 -3.11 22.48 15.88
N LEU A 105 -3.65 21.36 15.39
CA LEU A 105 -2.84 20.18 15.12
C LEU A 105 -1.96 20.42 13.90
N THR A 106 -0.65 20.44 14.09
CA THR A 106 0.34 20.59 13.01
C THR A 106 1.39 19.47 13.11
N TRP A 107 2.27 19.34 12.12
CA TRP A 107 3.40 18.42 12.25
C TRP A 107 4.21 18.54 13.53
N ASN A 108 4.28 19.74 14.11
CA ASN A 108 5.06 19.98 15.33
C ASN A 108 4.41 19.67 16.68
N SER A 109 3.14 19.33 16.67
CA SER A 109 2.44 18.93 17.89
C SER A 109 1.78 17.54 17.72
N LEU A 110 2.45 16.64 16.99
CA LEU A 110 1.87 15.32 16.70
C LEU A 110 2.13 14.40 17.90
N LYS A 111 3.08 14.78 18.75
CA LYS A 111 3.40 14.00 19.95
C LYS A 111 2.24 13.82 20.94
N ASP A 112 2.07 12.61 21.46
CA ASP A 112 0.95 12.26 22.34
C ASP A 112 -0.42 12.21 21.68
N LYS A 113 -0.47 12.43 20.37
CA LYS A 113 -1.70 12.29 19.61
C LYS A 113 -1.96 10.84 19.17
N LYS A 114 -3.11 10.62 18.53
CA LYS A 114 -3.52 9.29 18.09
C LYS A 114 -3.28 9.11 16.59
N SER A 115 -2.62 8.04 16.20
CA SER A 115 -2.28 7.85 14.80
C SER A 115 -2.93 6.64 14.17
N CYS A 116 -3.14 6.73 12.85
CA CYS A 116 -3.61 5.65 11.98
C CYS A 116 -2.61 5.38 10.88
N HIS A 117 -2.00 4.20 10.89
CA HIS A 117 -1.03 3.80 9.86
C HIS A 117 -1.60 2.68 9.00
N THR A 118 -1.21 2.62 7.72
CA THR A 118 -1.69 1.56 6.85
C THR A 118 -1.33 0.16 7.40
N ALA A 119 -0.05 -0.02 7.72
CA ALA A 119 0.44 -1.27 8.28
C ALA A 119 1.93 -1.05 8.53
N VAL A 120 2.45 -1.64 9.60
CA VAL A 120 3.88 -1.64 9.84
C VAL A 120 4.63 -2.04 8.56
N ASP A 121 5.79 -1.42 8.30
CA ASP A 121 6.63 -1.74 7.15
C ASP A 121 6.21 -1.21 5.78
N ARG A 122 5.03 -0.60 5.69
CA ARG A 122 4.61 0.03 4.44
C ARG A 122 5.20 1.44 4.26
N THR A 123 5.28 1.94 3.03
CA THR A 123 5.91 3.24 2.72
C THR A 123 5.24 4.49 3.30
N ALA A 124 4.04 4.82 2.83
CA ALA A 124 3.33 5.98 3.38
C ALA A 124 2.83 5.71 4.80
N GLY A 125 2.53 4.48 5.18
CA GLY A 125 1.88 4.34 6.47
C GLY A 125 2.86 4.20 7.62
N TRP A 126 4.08 3.77 7.32
CA TRP A 126 5.06 3.53 8.38
C TRP A 126 6.44 4.12 8.12
N ASN A 127 7.15 3.60 7.11
CA ASN A 127 8.57 3.92 6.90
C ASN A 127 8.84 5.41 6.75
N ILE A 128 7.99 6.11 5.99
CA ILE A 128 8.24 7.53 5.76
C ILE A 128 7.93 8.28 7.05
N PRO A 129 6.71 8.16 7.59
CA PRO A 129 6.42 9.03 8.73
C PRO A 129 7.27 8.71 9.96
N MET A 130 7.48 7.44 10.30
CA MET A 130 8.29 7.05 11.45
C MET A 130 9.80 7.29 11.24
N GLY A 131 10.25 7.15 9.99
CA GLY A 131 11.63 7.49 9.63
C GLY A 131 11.90 8.94 10.00
N LEU A 132 11.01 9.83 9.57
CA LEU A 132 11.06 11.23 9.92
C LEU A 132 10.93 11.48 11.41
N ILE A 133 10.01 10.81 12.11
CA ILE A 133 9.80 11.07 13.53
C ILE A 133 11.05 10.63 14.28
N VAL A 134 11.61 9.47 13.95
CA VAL A 134 12.88 9.04 14.53
C VAL A 134 14.03 10.05 14.34
N ASN A 135 14.22 10.56 13.12
CA ASN A 135 15.30 11.53 12.83
C ASN A 135 15.19 12.85 13.59
N GLN A 136 14.03 13.48 13.47
CA GLN A 136 13.69 14.67 14.25
C GLN A 136 13.74 14.45 15.76
N THR A 137 13.49 13.24 16.23
CA THR A 137 13.37 12.98 17.66
C THR A 137 14.72 12.52 18.23
N GLY A 138 15.65 12.18 17.34
CA GLY A 138 16.89 11.51 17.72
C GLY A 138 16.66 10.40 18.73
N SER A 139 15.64 9.59 18.52
CA SER A 139 15.34 8.44 19.37
C SER A 139 14.71 7.31 18.55
N CYS A 140 14.91 6.08 18.99
CA CYS A 140 14.32 4.92 18.34
C CYS A 140 13.04 4.53 19.05
N ALA A 141 12.68 5.34 20.03
CA ALA A 141 11.53 4.99 20.84
C ALA A 141 10.25 5.35 20.10
N PHE A 142 10.17 5.07 18.81
CA PHE A 142 8.96 5.38 18.02
C PHE A 142 7.67 4.72 18.54
N ASP A 143 7.75 3.76 19.46
CA ASP A 143 6.54 3.18 20.05
C ASP A 143 5.97 4.03 21.19
N GLU A 144 6.72 5.04 21.61
CA GLU A 144 6.23 5.93 22.65
C GLU A 144 5.91 7.32 22.12
N PHE A 145 5.94 7.50 20.81
CA PHE A 145 5.67 8.82 20.24
C PHE A 145 4.18 9.15 20.27
N PHE A 146 3.36 8.25 19.76
CA PHE A 146 1.93 8.46 19.76
C PHE A 146 1.34 7.84 21.03
N SER A 147 0.25 8.39 21.55
CA SER A 147 -0.30 7.79 22.75
C SER A 147 -0.90 6.44 22.39
N GLN A 148 -1.55 6.40 21.23
CA GLN A 148 -2.26 5.22 20.78
C GLN A 148 -2.37 5.27 19.27
N SER A 149 -2.33 4.10 18.64
CA SER A 149 -2.33 4.01 17.18
C SER A 149 -3.08 2.76 16.77
N CYS A 150 -3.37 2.68 15.47
CA CYS A 150 -3.59 1.37 14.88
C CYS A 150 -2.48 1.18 13.85
N ALA A 151 -1.54 0.30 14.11
CA ALA A 151 -0.44 0.03 13.18
C ALA A 151 -0.45 -1.48 12.89
N PRO A 152 -1.33 -1.94 11.98
CA PRO A 152 -1.45 -3.38 11.75
C PRO A 152 -0.07 -4.02 11.58
N GLY A 153 0.14 -5.10 12.33
CA GLY A 153 1.43 -5.80 12.31
C GLY A 153 2.31 -5.57 13.52
N ALA A 154 1.97 -4.63 14.40
CA ALA A 154 2.72 -4.45 15.65
C ALA A 154 2.12 -5.37 16.71
N ASP A 155 2.77 -5.56 17.86
CA ASP A 155 2.24 -6.39 18.93
C ASP A 155 0.82 -5.99 19.33
N PRO A 156 -0.15 -6.92 19.25
CA PRO A 156 -1.53 -6.66 19.67
C PRO A 156 -1.72 -6.08 21.07
N LYS A 157 -0.80 -6.36 21.99
CA LYS A 157 -0.94 -5.90 23.38
C LYS A 157 -0.30 -4.53 23.61
N SER A 158 0.41 -4.01 22.60
CA SER A 158 1.04 -2.68 22.69
C SER A 158 0.13 -1.53 22.29
N ARG A 159 0.56 -0.33 22.65
CA ARG A 159 -0.21 0.87 22.32
C ARG A 159 -0.32 1.11 20.82
N LEU A 160 0.61 0.57 20.05
CA LEU A 160 0.53 0.60 18.58
C LEU A 160 -0.66 -0.19 18.01
N CYS A 161 -1.31 -1.03 18.80
CA CYS A 161 -2.50 -1.72 18.29
C CYS A 161 -3.78 -1.27 18.99
N ALA A 162 -3.65 -0.39 19.98
CA ALA A 162 -4.81 -0.03 20.82
C ALA A 162 -6.01 0.44 20.00
N LEU A 163 -5.78 1.08 18.86
CA LEU A 163 -6.89 1.67 18.10
C LEU A 163 -7.50 0.75 17.04
N CYS A 164 -6.88 -0.40 16.79
CA CYS A 164 -7.37 -1.33 15.76
C CYS A 164 -8.60 -2.09 16.28
N ALA A 165 -9.49 -2.50 15.39
CA ALA A 165 -10.78 -3.05 15.79
C ALA A 165 -11.00 -4.50 15.36
N GLY A 166 -10.10 -5.06 14.58
CA GLY A 166 -10.36 -6.42 14.14
C GLY A 166 -11.50 -6.52 13.16
N ASP A 167 -11.99 -7.75 12.94
CA ASP A 167 -13.07 -7.96 12.01
C ASP A 167 -14.43 -7.69 12.68
N ASP A 168 -15.50 -8.10 11.98
CA ASP A 168 -16.88 -7.89 12.40
C ASP A 168 -17.20 -8.52 13.74
N GLN A 169 -16.40 -9.51 14.16
CA GLN A 169 -16.57 -10.14 15.47
C GLN A 169 -15.55 -9.67 16.50
N GLY A 170 -14.60 -8.84 16.09
CA GLY A 170 -13.58 -8.38 17.02
C GLY A 170 -12.38 -9.31 17.10
N LEU A 171 -12.35 -10.32 16.23
CA LEU A 171 -11.17 -11.19 16.12
C LEU A 171 -10.14 -10.62 15.13
N ASP A 172 -8.91 -11.13 15.19
CA ASP A 172 -7.82 -10.72 14.31
C ASP A 172 -7.42 -9.26 14.48
N LYS A 173 -7.53 -8.76 15.72
CA LYS A 173 -7.18 -7.39 16.04
C LYS A 173 -5.75 -7.08 15.64
N CYS A 174 -5.58 -6.06 14.81
CA CYS A 174 -4.27 -5.63 14.37
C CYS A 174 -3.57 -6.52 13.32
N VAL A 175 -4.25 -7.50 12.72
CA VAL A 175 -3.53 -8.33 11.75
C VAL A 175 -3.26 -7.52 10.51
N PRO A 176 -2.09 -7.69 9.87
CA PRO A 176 -1.86 -6.87 8.69
C PRO A 176 -2.46 -7.48 7.45
N ASN A 177 -3.78 -7.64 7.47
CA ASN A 177 -4.52 -7.95 6.26
C ASN A 177 -5.89 -7.30 6.35
N SER A 178 -6.68 -7.40 5.29
CA SER A 178 -7.89 -6.60 5.21
C SER A 178 -8.96 -7.06 6.17
N LYS A 179 -8.73 -8.09 6.97
CA LYS A 179 -9.78 -8.49 7.89
C LYS A 179 -9.82 -7.45 9.00
N GLU A 180 -8.73 -6.73 9.19
CA GLU A 180 -8.63 -5.66 10.19
C GLU A 180 -9.34 -4.42 9.60
N LYS A 181 -10.28 -3.88 10.36
CA LYS A 181 -11.11 -2.78 9.90
C LYS A 181 -10.28 -1.63 9.32
N TYR A 182 -9.15 -1.33 9.97
CA TYR A 182 -8.30 -0.18 9.64
C TYR A 182 -6.95 -0.57 9.03
N TYR A 183 -6.89 -1.62 8.20
CA TYR A 183 -5.67 -2.00 7.49
C TYR A 183 -5.65 -1.24 6.16
N GLY A 184 -4.50 -0.72 5.73
CA GLY A 184 -4.39 -0.25 4.36
C GLY A 184 -4.71 1.20 4.08
N TYR A 185 -4.41 1.66 2.88
CA TYR A 185 -4.76 3.00 2.54
C TYR A 185 -6.20 3.27 3.00
N THR A 186 -7.15 2.42 2.68
CA THR A 186 -8.54 2.69 3.06
C THR A 186 -8.92 2.56 4.55
N GLY A 187 -8.44 1.50 5.21
CA GLY A 187 -8.63 1.35 6.64
C GLY A 187 -8.06 2.52 7.44
N ALA A 188 -6.82 2.92 7.16
CA ALA A 188 -6.20 4.05 7.85
C ALA A 188 -6.98 5.36 7.70
N PHE A 189 -7.55 5.63 6.54
CA PHE A 189 -8.32 6.85 6.37
C PHE A 189 -9.65 6.73 7.11
N ARG A 190 -10.22 5.54 7.09
CA ARG A 190 -11.47 5.32 7.81
C ARG A 190 -11.18 5.57 9.28
N CYS A 191 -9.95 5.26 9.68
CA CYS A 191 -9.55 5.36 11.09
C CYS A 191 -9.55 6.83 11.50
N LEU A 192 -9.26 7.68 10.53
CA LEU A 192 -9.31 9.12 10.78
C LEU A 192 -10.73 9.65 10.58
N ALA A 193 -11.38 9.23 9.50
CA ALA A 193 -12.72 9.72 9.19
C ALA A 193 -13.70 9.51 10.35
N GLU A 194 -13.54 8.44 11.12
CA GLU A 194 -14.47 8.12 12.21
C GLU A 194 -13.94 8.60 13.55
N ASP A 195 -12.87 9.38 13.47
CA ASP A 195 -12.28 10.05 14.65
C ASP A 195 -11.69 9.11 15.66
N VAL A 196 -11.30 7.91 15.22
CA VAL A 196 -10.54 7.05 16.11
C VAL A 196 -9.16 7.68 16.35
N GLY A 197 -8.50 8.08 15.27
CA GLY A 197 -7.19 8.70 15.37
C GLY A 197 -7.22 10.17 15.02
N ASP A 198 -6.17 10.88 15.40
CA ASP A 198 -6.05 12.28 15.07
C ASP A 198 -5.40 12.52 13.72
N VAL A 199 -4.56 11.58 13.30
CA VAL A 199 -3.85 11.66 12.02
C VAL A 199 -3.73 10.29 11.32
N ALA A 200 -3.73 10.29 10.00
CA ALA A 200 -3.66 9.07 9.22
C ALA A 200 -2.53 9.29 8.23
N PHE A 201 -1.60 8.33 8.15
CA PHE A 201 -0.52 8.35 7.19
C PHE A 201 -0.92 7.43 6.01
N VAL A 202 -1.41 8.08 4.96
CA VAL A 202 -1.84 7.40 3.73
C VAL A 202 -1.16 8.09 2.55
N LYS A 203 -1.69 7.94 1.35
CA LYS A 203 -1.17 8.63 0.18
C LYS A 203 -2.22 9.65 -0.27
N ASN A 204 -1.83 10.54 -1.17
CA ASN A 204 -2.70 11.59 -1.72
C ASN A 204 -3.97 11.03 -2.32
N ASP A 205 -3.89 9.96 -3.12
CA ASP A 205 -5.06 9.45 -3.84
C ASP A 205 -6.15 8.97 -2.89
N THR A 206 -5.75 8.51 -1.70
CA THR A 206 -6.70 7.95 -0.75
C THR A 206 -7.79 8.96 -0.33
N VAL A 207 -7.41 10.23 -0.12
CA VAL A 207 -8.35 11.28 0.28
C VAL A 207 -9.32 11.56 -0.89
N TRP A 208 -8.80 11.83 -2.08
CA TRP A 208 -9.69 11.99 -3.21
C TRP A 208 -10.65 10.82 -3.42
N GLU A 209 -10.18 9.58 -3.29
CA GLU A 209 -11.02 8.43 -3.63
C GLU A 209 -12.12 8.14 -2.63
N ASN A 210 -12.03 8.71 -1.43
CA ASN A 210 -12.98 8.39 -0.37
C ASN A 210 -13.79 9.58 0.13
N THR A 211 -13.77 10.67 -0.64
CA THR A 211 -14.55 11.85 -0.30
C THR A 211 -15.41 12.30 -1.49
N ASN A 212 -16.38 13.19 -1.19
CA ASN A 212 -17.23 13.87 -2.19
C ASN A 212 -17.96 12.89 -3.05
N GLY A 213 -18.51 11.84 -2.42
CA GLY A 213 -19.26 10.83 -3.14
C GLY A 213 -18.49 9.84 -4.02
N GLU A 214 -17.17 9.81 -3.93
CA GLU A 214 -16.41 8.85 -4.74
C GLU A 214 -16.50 7.43 -4.19
N SER A 215 -16.93 7.26 -2.93
CA SER A 215 -16.91 5.93 -2.34
C SER A 215 -18.25 5.22 -2.24
N THR A 216 -19.29 5.91 -1.78
CA THR A 216 -20.59 5.25 -1.57
C THR A 216 -20.58 4.27 -0.39
N ALA A 217 -19.41 3.94 0.14
CA ALA A 217 -19.32 3.13 1.35
C ALA A 217 -19.92 3.93 2.51
N ASP A 218 -20.64 3.23 3.38
CA ASP A 218 -21.36 3.85 4.50
C ASP A 218 -20.57 4.87 5.33
N TRP A 219 -19.31 4.57 5.66
CA TRP A 219 -18.47 5.48 6.46
C TRP A 219 -18.02 6.71 5.68
N ALA A 220 -17.95 6.59 4.34
CA ALA A 220 -17.43 7.64 3.46
C ALA A 220 -18.42 8.43 2.59
N LYS A 221 -19.61 7.87 2.33
CA LYS A 221 -20.81 8.57 1.82
C LYS A 221 -20.78 10.10 1.96
N ASN A 222 -20.70 10.55 3.22
CA ASN A 222 -20.84 11.94 3.59
C ASN A 222 -19.54 12.66 3.87
N LEU A 223 -18.41 12.13 3.42
CA LEU A 223 -17.14 12.82 3.63
C LEU A 223 -16.91 13.87 2.54
N LYS A 224 -16.47 15.05 2.95
CA LYS A 224 -16.18 16.14 2.05
C LYS A 224 -14.69 16.50 2.19
N ARG A 225 -13.96 16.69 1.09
CA ARG A 225 -12.57 17.11 1.15
C ARG A 225 -12.31 18.37 1.95
N GLU A 226 -13.17 19.37 1.81
CA GLU A 226 -12.95 20.61 2.57
C GLU A 226 -12.74 20.32 4.04
N ASP A 227 -13.23 19.19 4.53
CA ASP A 227 -13.23 18.86 5.96
C ASP A 227 -11.90 18.26 6.40
N PHE A 228 -10.95 18.16 5.46
CA PHE A 228 -9.66 17.53 5.72
C PHE A 228 -8.53 18.54 5.52
N ARG A 229 -7.42 18.33 6.22
CA ARG A 229 -6.23 19.11 5.95
C ARG A 229 -5.01 18.21 5.89
N LEU A 230 -4.05 18.53 5.03
CA LEU A 230 -2.75 17.87 5.02
C LEU A 230 -1.75 18.57 5.96
N LEU A 231 -0.91 17.82 6.68
CA LEU A 231 0.18 18.41 7.46
C LEU A 231 1.50 18.45 6.69
N CYS A 232 2.09 19.62 6.54
CA CYS A 232 3.34 19.72 5.81
C CYS A 232 4.48 19.74 6.80
N LEU A 233 5.69 19.51 6.32
CA LEU A 233 6.84 19.51 7.23
C LEU A 233 7.25 20.91 7.71
N ASP A 234 6.80 21.98 7.04
CA ASP A 234 7.11 23.32 7.52
C ASP A 234 6.23 23.80 8.68
N GLY A 235 5.47 22.92 9.31
CA GLY A 235 4.58 23.34 10.39
C GLY A 235 3.23 23.86 9.91
N THR A 236 3.02 23.88 8.61
CA THR A 236 1.81 24.46 8.03
C THR A 236 0.70 23.41 7.86
N ARG A 237 -0.48 23.84 7.44
CA ARG A 237 -1.62 22.97 7.16
C ARG A 237 -2.19 23.45 5.84
N LYS A 238 -2.62 22.55 4.96
CA LYS A 238 -3.05 22.97 3.62
C LYS A 238 -4.20 22.14 3.10
N PRO A 239 -5.03 22.71 2.24
CA PRO A 239 -6.06 21.92 1.58
C PRO A 239 -5.55 20.66 0.86
N VAL A 240 -6.40 19.65 0.75
CA VAL A 240 -6.00 18.43 0.11
C VAL A 240 -5.68 18.67 -1.35
N THR A 241 -6.02 19.85 -1.88
CA THR A 241 -5.67 20.23 -3.26
C THR A 241 -4.20 20.61 -3.46
N GLU A 242 -3.46 20.78 -2.37
CA GLU A 242 -2.07 21.23 -2.43
C GLU A 242 -1.07 20.15 -2.07
N ALA A 243 -1.41 18.89 -2.33
CA ALA A 243 -0.56 17.77 -1.93
C ALA A 243 0.79 17.86 -2.63
N GLN A 244 0.79 18.50 -3.80
N GLN A 244 0.82 18.48 -3.81
CA GLN A 244 2.00 18.66 -4.59
CA GLN A 244 2.08 18.56 -4.54
C GLN A 244 3.05 19.47 -3.85
C GLN A 244 3.08 19.48 -3.85
N SER A 245 2.62 20.33 -2.94
CA SER A 245 3.52 21.21 -2.18
C SER A 245 3.48 21.00 -0.66
N CYS A 246 2.82 19.91 -0.24
CA CYS A 246 2.63 19.55 1.15
C CYS A 246 2.54 18.00 1.30
N HIS A 247 3.65 17.32 1.08
CA HIS A 247 3.74 15.88 1.23
C HIS A 247 5.01 15.50 1.99
N LEU A 248 5.00 14.33 2.63
CA LEU A 248 6.16 13.84 3.34
C LEU A 248 7.20 13.26 2.39
N ALA A 249 6.77 12.70 1.26
CA ALA A 249 7.72 12.09 0.32
C ALA A 249 7.03 11.57 -0.93
N VAL A 250 7.76 11.38 -2.02
CA VAL A 250 7.19 10.70 -3.16
C VAL A 250 7.60 9.22 -3.07
N ALA A 251 6.64 8.30 -3.09
CA ALA A 251 6.92 6.88 -2.88
C ALA A 251 6.93 6.10 -4.22
N PRO A 252 7.80 5.09 -4.34
CA PRO A 252 7.78 4.29 -5.57
C PRO A 252 6.54 3.39 -5.64
N ASN A 253 5.86 3.37 -6.78
CA ASN A 253 4.64 2.59 -6.95
C ASN A 253 4.74 1.14 -6.48
N HIS A 254 3.62 0.63 -5.98
CA HIS A 254 3.55 -0.80 -5.71
C HIS A 254 3.91 -1.59 -6.97
N ALA A 255 4.56 -2.74 -6.78
CA ALA A 255 4.96 -3.57 -7.90
C ALA A 255 4.78 -5.05 -7.57
N VAL A 256 4.62 -5.83 -8.65
CA VAL A 256 4.59 -7.28 -8.63
C VAL A 256 6.01 -7.82 -8.45
N VAL A 257 6.24 -8.69 -7.46
CA VAL A 257 7.55 -9.30 -7.26
C VAL A 257 7.45 -10.78 -7.54
N SER A 258 8.51 -11.39 -8.05
CA SER A 258 8.64 -12.84 -8.14
C SER A 258 10.09 -13.21 -7.89
N ARG A 259 10.36 -14.51 -7.77
CA ARG A 259 11.72 -15.03 -7.75
C ARG A 259 12.35 -14.78 -9.11
N SER A 260 13.62 -14.36 -9.17
CA SER A 260 14.18 -13.99 -10.48
C SER A 260 14.20 -15.11 -11.49
N ASP A 261 14.32 -16.34 -11.03
CA ASP A 261 14.28 -17.48 -11.97
C ASP A 261 12.88 -17.68 -12.57
N ARG A 262 11.89 -16.89 -12.13
CA ARG A 262 10.47 -17.05 -12.56
C ARG A 262 9.94 -15.79 -13.23
N ALA A 263 10.71 -14.71 -13.15
CA ALA A 263 10.26 -13.37 -13.53
C ALA A 263 9.85 -13.28 -14.98
N ALA A 264 10.58 -13.92 -15.88
CA ALA A 264 10.24 -13.83 -17.31
C ALA A 264 8.88 -14.42 -17.55
N HIS A 265 8.64 -15.53 -16.87
CA HIS A 265 7.40 -16.27 -17.02
C HIS A 265 6.23 -15.54 -16.37
N VAL A 266 6.38 -15.10 -15.13
CA VAL A 266 5.36 -14.31 -14.45
C VAL A 266 4.97 -13.07 -15.25
N GLU A 267 5.92 -12.47 -15.96
CA GLU A 267 5.71 -11.26 -16.76
C GLU A 267 4.85 -11.48 -18.01
N GLN A 268 5.14 -12.56 -18.73
CA GLN A 268 4.39 -12.93 -19.94
C GLN A 268 2.91 -13.17 -19.62
N VAL A 269 2.65 -14.09 -18.69
CA VAL A 269 1.29 -14.36 -18.24
C VAL A 269 0.55 -13.08 -17.87
N LEU A 270 1.17 -12.20 -17.09
CA LEU A 270 0.52 -10.99 -16.55
C LEU A 270 0.09 -9.96 -17.58
N LEU A 271 0.98 -9.70 -18.56
CA LEU A 271 0.71 -8.88 -19.73
C LEU A 271 -0.45 -9.41 -20.56
N HIS A 272 -0.61 -10.73 -20.62
CA HIS A 272 -1.77 -11.31 -21.30
C HIS A 272 -3.03 -11.31 -20.42
N GLN A 273 -2.88 -11.55 -19.12
CA GLN A 273 -3.99 -11.42 -18.18
C GLN A 273 -4.61 -10.03 -18.15
N GLN A 274 -3.77 -8.99 -18.22
CA GLN A 274 -4.30 -7.62 -18.21
C GLN A 274 -4.89 -7.16 -19.55
N ALA A 275 -4.42 -7.75 -20.65
CA ALA A 275 -5.08 -7.58 -21.94
C ALA A 275 -6.51 -8.11 -21.91
N LEU A 276 -6.77 -9.15 -21.10
CA LEU A 276 -8.12 -9.71 -20.90
C LEU A 276 -8.97 -8.96 -19.86
N PHE A 277 -8.37 -8.58 -18.73
CA PHE A 277 -9.13 -8.11 -17.60
C PHE A 277 -8.64 -6.78 -17.04
N GLY A 278 -7.69 -6.15 -17.70
CA GLY A 278 -7.24 -4.84 -17.23
C GLY A 278 -8.26 -3.77 -17.56
N LYS A 279 -7.80 -2.52 -17.54
CA LYS A 279 -8.70 -1.37 -17.65
C LYS A 279 -9.54 -1.35 -18.91
N ASN A 280 -8.97 -1.74 -20.05
CA ASN A 280 -9.79 -1.86 -21.26
C ASN A 280 -9.88 -3.27 -21.82
N GLY A 281 -9.74 -4.26 -20.96
CA GLY A 281 -9.62 -5.62 -21.42
C GLY A 281 -10.84 -6.21 -22.09
N LYS A 282 -10.58 -7.22 -22.90
CA LYS A 282 -11.59 -7.95 -23.65
C LYS A 282 -12.78 -8.29 -22.76
N ASN A 283 -12.51 -8.63 -21.50
CA ASN A 283 -13.56 -9.16 -20.65
C ASN A 283 -13.80 -8.45 -19.35
N CYS A 284 -13.37 -7.19 -19.26
CA CYS A 284 -13.39 -6.56 -17.95
C CYS A 284 -14.79 -6.12 -17.57
N PRO A 285 -15.31 -5.03 -18.15
CA PRO A 285 -16.47 -4.60 -17.38
C PRO A 285 -17.48 -5.76 -17.34
N ASP A 286 -17.56 -6.51 -18.44
CA ASP A 286 -18.54 -7.57 -18.64
C ASP A 286 -18.34 -8.79 -17.74
N LYS A 287 -17.15 -9.41 -17.77
CA LYS A 287 -17.01 -10.64 -16.98
C LYS A 287 -16.23 -10.44 -15.69
N PHE A 288 -15.00 -9.91 -15.76
CA PHE A 288 -14.20 -9.71 -14.54
C PHE A 288 -13.12 -8.65 -14.73
N CYS A 289 -13.01 -7.76 -13.75
CA CYS A 289 -12.00 -6.71 -13.74
C CYS A 289 -10.95 -6.95 -12.65
N LEU A 290 -9.69 -7.18 -13.06
CA LEU A 290 -8.55 -7.26 -12.15
C LEU A 290 -8.35 -6.06 -11.21
N PHE A 291 -8.58 -4.85 -11.72
CA PHE A 291 -8.28 -3.66 -10.95
C PHE A 291 -9.51 -3.05 -10.29
N LYS A 292 -10.56 -3.83 -10.07
CA LYS A 292 -11.68 -3.33 -9.28
C LYS A 292 -11.94 -4.23 -8.08
N SER A 293 -12.57 -3.66 -7.06
CA SER A 293 -12.97 -4.39 -5.85
C SER A 293 -13.66 -3.41 -4.88
N GLU A 294 -14.52 -2.54 -5.41
CA GLU A 294 -15.29 -1.62 -4.55
C GLU A 294 -14.48 -0.95 -3.42
N THR A 295 -13.42 -0.24 -3.81
CA THR A 295 -12.64 0.64 -2.93
C THR A 295 -11.77 -0.08 -1.88
N LYS A 296 -11.64 -1.39 -2.03
CA LYS A 296 -10.95 -2.23 -1.06
C LYS A 296 -9.51 -2.59 -1.39
N ASN A 297 -9.00 -2.12 -2.53
CA ASN A 297 -7.62 -2.35 -2.98
C ASN A 297 -7.12 -3.79 -2.77
N LEU A 298 -7.82 -4.76 -3.34
CA LEU A 298 -7.51 -6.18 -3.16
C LEU A 298 -6.60 -6.66 -4.30
N LEU A 299 -5.46 -7.25 -3.99
CA LEU A 299 -4.45 -7.69 -4.96
C LEU A 299 -3.77 -6.51 -5.66
N PHE A 300 -4.56 -5.56 -6.18
CA PHE A 300 -4.04 -4.34 -6.79
C PHE A 300 -4.79 -3.13 -6.26
N ASN A 301 -4.22 -1.92 -6.38
CA ASN A 301 -4.92 -0.73 -5.94
C ASN A 301 -6.00 -0.54 -6.96
N ASP A 302 -7.18 -0.14 -6.49
CA ASP A 302 -8.29 0.09 -7.39
C ASP A 302 -8.03 1.14 -8.45
N ASN A 303 -7.07 2.05 -8.27
CA ASN A 303 -6.79 3.07 -9.29
C ASN A 303 -5.76 2.71 -10.37
N THR A 304 -5.36 1.45 -10.48
CA THR A 304 -4.35 1.07 -11.45
C THR A 304 -4.94 1.12 -12.85
N GLU A 305 -4.33 1.90 -13.72
CA GLU A 305 -4.75 1.89 -15.11
C GLU A 305 -4.24 0.63 -15.80
N CYS A 306 -3.02 0.22 -15.52
CA CYS A 306 -2.42 -0.96 -16.13
C CYS A 306 -1.17 -1.33 -15.32
N LEU A 307 -0.61 -2.51 -15.55
CA LEU A 307 0.70 -2.86 -15.02
C LEU A 307 1.78 -2.51 -16.06
N ALA A 308 2.83 -1.81 -15.64
CA ALA A 308 3.83 -1.25 -16.58
C ALA A 308 5.14 -2.02 -16.59
N LYS A 309 5.77 -2.12 -17.77
CA LYS A 309 7.10 -2.72 -17.91
C LYS A 309 8.03 -1.79 -17.21
N LEU A 310 9.26 -2.21 -16.94
CA LEU A 310 10.13 -1.38 -16.13
C LEU A 310 11.17 -0.64 -16.92
N GLY A 311 12.04 -1.33 -17.64
CA GLY A 311 12.97 -0.55 -18.49
C GLY A 311 14.15 -0.09 -17.65
N GLY A 312 15.33 -0.53 -18.05
CA GLY A 312 16.51 -0.42 -17.20
C GLY A 312 16.72 -1.71 -16.44
N ARG A 313 15.90 -2.71 -16.73
CA ARG A 313 15.86 -3.93 -15.93
C ARG A 313 16.41 -3.72 -14.50
N PRO A 314 15.70 -2.93 -13.69
CA PRO A 314 16.21 -2.54 -12.39
C PRO A 314 16.23 -3.62 -11.31
N THR A 315 17.26 -3.61 -10.48
CA THR A 315 17.31 -4.39 -9.26
C THR A 315 16.33 -3.74 -8.29
N TYR A 316 16.16 -4.31 -7.09
CA TYR A 316 15.18 -3.79 -6.16
C TYR A 316 15.66 -2.44 -5.56
N GLU A 317 16.98 -2.21 -5.52
CA GLU A 317 17.50 -0.94 -5.00
C GLU A 317 17.39 0.15 -6.04
N GLU A 318 17.63 -0.21 -7.30
CA GLU A 318 17.38 0.73 -8.39
C GLU A 318 15.91 1.03 -8.51
N TYR A 319 15.03 0.05 -8.31
CA TYR A 319 13.58 0.32 -8.44
C TYR A 319 13.12 1.25 -7.32
N LEU A 320 13.51 1.00 -6.07
CA LEU A 320 13.06 1.80 -4.95
C LEU A 320 13.78 3.16 -4.88
N GLY A 321 14.98 3.21 -5.45
CA GLY A 321 15.83 4.40 -5.48
C GLY A 321 16.67 4.55 -4.23
N THR A 322 17.81 5.23 -4.37
CA THR A 322 18.75 5.44 -3.26
C THR A 322 18.21 6.25 -2.09
N GLU A 323 17.42 7.28 -2.37
CA GLU A 323 16.77 8.02 -1.28
C GLU A 323 15.97 7.10 -0.35
N TYR A 324 14.92 6.49 -0.90
CA TYR A 324 14.06 5.61 -0.11
C TYR A 324 14.83 4.51 0.61
N VAL A 325 15.81 3.92 -0.06
CA VAL A 325 16.54 2.78 0.50
C VAL A 325 17.44 3.20 1.66
N THR A 326 17.97 4.42 1.66
CA THR A 326 18.78 4.78 2.83
C THR A 326 17.88 5.17 4.01
N ALA A 327 16.65 5.56 3.70
CA ALA A 327 15.65 5.89 4.73
C ALA A 327 15.21 4.63 5.48
N ILE A 328 14.86 3.58 4.74
CA ILE A 328 14.50 2.33 5.37
C ILE A 328 15.64 1.73 6.17
N ALA A 329 16.89 1.91 5.68
CA ALA A 329 18.11 1.41 6.35
C ALA A 329 18.23 2.03 7.73
N ASN A 330 18.39 3.35 7.76
CA ASN A 330 18.46 4.12 9.00
C ASN A 330 17.30 3.88 9.95
N LEU A 331 16.07 3.72 9.45
CA LEU A 331 14.96 3.37 10.33
C LEU A 331 15.09 1.95 10.91
N LYS A 332 15.58 0.99 10.11
CA LYS A 332 15.73 -0.40 10.53
C LYS A 332 16.85 -0.63 11.57
N LYS A 333 17.82 0.27 11.65
CA LYS A 333 18.79 0.27 12.75
C LYS A 333 18.13 0.22 14.13
N CYS A 334 17.06 0.98 14.31
CA CYS A 334 16.31 1.00 15.55
C CYS A 334 15.85 -0.38 15.98
N SER A 335 15.16 -1.09 15.08
CA SER A 335 14.56 -2.37 15.46
C SER A 335 15.62 -3.48 15.58
N LEU A 340 24.50 -6.94 9.80
CA LEU A 340 23.05 -6.98 9.90
C LEU A 340 22.44 -6.85 8.50
N GLU A 341 23.16 -7.36 7.50
CA GLU A 341 22.66 -7.54 6.13
C GLU A 341 22.33 -9.02 5.88
N ALA A 342 21.05 -9.33 5.65
CA ALA A 342 20.61 -10.70 5.40
C ALA A 342 19.12 -10.73 5.05
N CYS A 343 18.66 -11.82 4.45
CA CYS A 343 17.23 -12.07 4.38
C CYS A 343 16.66 -12.23 5.82
N ALA A 344 15.52 -11.58 6.08
CA ALA A 344 14.82 -11.65 7.37
C ALA A 344 14.30 -13.05 7.74
N PHE A 345 14.12 -13.92 6.74
CA PHE A 345 13.62 -15.27 6.98
C PHE A 345 14.70 -16.31 6.68
#